data_3RGH
#
_entry.id   3RGH
#
_cell.length_a   36.453
_cell.length_b   50.549
_cell.length_c   107.172
_cell.angle_alpha   90.00
_cell.angle_beta   90.00
_cell.angle_gamma   90.00
#
_symmetry.space_group_name_H-M   'P 21 21 21'
#
loop_
_entity.id
_entity.type
_entity.pdbx_description
1 polymer Filamin-A
2 non-polymer 'ACETATE ION'
3 water water
#
_entity_poly.entity_id   1
_entity_poly.type   'polypeptide(L)'
_entity_poly.pdbx_seq_one_letter_code
;GAMDPFDASKVKCSGPGLERATAGEVGQFQVDCSSAGSAELTIEI(CME)SEAGLPAEVYIQDHGDGTHTITYIPLCPGA
YTVTIKYGGQPVPNFPSKLQVEPA
;
_entity_poly.pdbx_strand_id   A,B
#
# COMPACT_ATOMS: atom_id res chain seq x y z
N MET A 3 -7.02 20.71 -2.69
CA MET A 3 -7.53 19.52 -3.36
C MET A 3 -7.18 19.52 -4.84
N ASP A 4 -6.14 18.79 -5.24
CA ASP A 4 -5.78 18.77 -6.65
C ASP A 4 -6.55 17.73 -7.45
N PRO A 5 -6.66 17.91 -8.76
CA PRO A 5 -7.31 16.90 -9.58
C PRO A 5 -6.35 15.75 -9.85
N PHE A 6 -6.87 14.66 -10.36
CA PHE A 6 -6.04 13.54 -10.66
C PHE A 6 -5.19 13.84 -11.87
N ASP A 7 -3.91 13.77 -11.69
CA ASP A 7 -2.96 13.95 -12.79
C ASP A 7 -1.74 13.05 -12.57
N ALA A 8 -1.53 12.07 -13.43
CA ALA A 8 -0.42 11.13 -13.27
C ALA A 8 0.92 11.81 -13.54
N SER A 9 0.91 12.91 -14.28
CA SER A 9 2.14 13.58 -14.63
C SER A 9 2.78 14.32 -13.45
N LYS A 10 2.04 14.50 -12.36
CA LYS A 10 2.54 15.21 -11.16
C LYS A 10 3.21 14.31 -10.15
N VAL A 11 3.13 13.00 -10.37
CA VAL A 11 3.73 12.05 -9.44
C VAL A 11 5.25 12.11 -9.49
N LYS A 12 5.89 12.14 -8.32
CA LYS A 12 7.35 12.18 -8.27
C LYS A 12 7.91 11.03 -7.45
N CYS A 13 8.94 10.35 -7.94
CA CYS A 13 9.54 9.25 -7.19
C CYS A 13 11.03 9.45 -6.96
N SER A 14 11.55 8.92 -5.86
CA SER A 14 12.96 9.07 -5.58
C SER A 14 13.36 8.16 -4.46
N GLY A 15 14.67 8.14 -4.15
CA GLY A 15 15.20 7.31 -3.09
C GLY A 15 16.10 6.20 -3.58
N PRO A 16 16.96 5.69 -2.68
CA PRO A 16 18.04 4.75 -3.03
C PRO A 16 17.55 3.48 -3.72
N GLY A 17 16.41 2.94 -3.30
CA GLY A 17 15.92 1.71 -3.87
C GLY A 17 15.41 1.76 -5.31
N LEU A 18 15.38 2.94 -5.92
CA LEU A 18 15.11 3.02 -7.36
C LEU A 18 16.40 2.95 -8.20
N GLU A 19 17.55 3.16 -7.55
CA GLU A 19 18.83 3.15 -8.29
C GLU A 19 19.59 1.83 -8.26
N ARG A 20 19.86 1.30 -7.07
CA ARG A 20 20.49 0.01 -6.95
C ARG A 20 19.80 -0.82 -5.88
N ALA A 21 20.12 -2.11 -5.89
CA ALA A 21 19.56 -3.02 -4.92
C ALA A 21 20.47 -4.23 -4.77
N THR A 22 20.36 -4.93 -3.65
CA THR A 22 21.13 -6.13 -3.41
C THR A 22 20.17 -7.26 -3.14
N ALA A 23 20.36 -8.41 -3.81
CA ALA A 23 19.47 -9.56 -3.64
C ALA A 23 19.40 -9.98 -2.17
N GLY A 24 18.18 -10.08 -1.65
CA GLY A 24 17.98 -10.50 -0.29
C GLY A 24 17.97 -9.34 0.68
N GLU A 25 18.16 -8.15 0.16
CA GLU A 25 18.19 -6.98 1.03
C GLU A 25 16.96 -6.12 0.74
N VAL A 26 16.40 -5.56 1.80
CA VAL A 26 15.27 -4.66 1.65
C VAL A 26 15.71 -3.39 0.93
N GLY A 27 14.82 -2.85 0.09
CA GLY A 27 15.11 -1.59 -0.55
C GLY A 27 13.88 -0.71 -0.42
N GLN A 28 14.12 0.59 -0.50
CA GLN A 28 13.11 1.59 -0.20
C GLN A 28 13.19 2.73 -1.19
N PHE A 29 12.04 3.32 -1.47
CA PHE A 29 12.00 4.59 -2.13
C PHE A 29 10.64 5.23 -1.85
N GLN A 30 10.45 6.44 -2.39
CA GLN A 30 9.29 7.25 -2.06
C GLN A 30 8.49 7.49 -3.32
N VAL A 31 7.18 7.56 -3.19
CA VAL A 31 6.34 7.97 -4.31
C VAL A 31 5.42 9.04 -3.81
N ASP A 32 5.59 10.24 -4.33
CA ASP A 32 4.89 11.42 -3.81
C ASP A 32 3.75 11.86 -4.73
N CYS A 33 2.51 11.62 -4.30
CA CYS A 33 1.33 11.99 -5.06
C CYS A 33 0.64 13.29 -4.61
N SER A 34 1.26 13.99 -3.67
CA SER A 34 0.61 15.13 -3.02
C SER A 34 0.02 16.17 -3.97
N SER A 35 0.64 16.40 -5.12
CA SER A 35 0.04 17.28 -6.12
C SER A 35 -0.66 16.56 -7.28
N ALA A 36 -0.72 15.25 -7.21
CA ALA A 36 -1.21 14.43 -8.32
C ALA A 36 -2.68 14.03 -8.24
N GLY A 37 -3.39 14.50 -7.20
CA GLY A 37 -4.77 14.10 -7.03
C GLY A 37 -4.88 12.70 -6.42
N SER A 38 -6.09 12.13 -6.43
CA SER A 38 -6.35 10.82 -5.83
C SER A 38 -6.66 9.78 -6.91
N ALA A 39 -5.97 8.64 -6.81
CA ALA A 39 -6.21 7.48 -7.69
C ALA A 39 -5.46 6.27 -7.14
N GLU A 40 -5.66 5.12 -7.79
CA GLU A 40 -4.98 3.91 -7.39
C GLU A 40 -3.49 3.99 -7.79
N LEU A 41 -2.63 3.79 -6.81
CA LEU A 41 -1.21 3.69 -7.04
C LEU A 41 -0.91 2.21 -7.24
N THR A 42 -0.30 1.85 -8.37
CA THR A 42 0.16 0.48 -8.55
C THR A 42 1.66 0.42 -8.81
N ILE A 43 2.30 -0.54 -8.15
CA ILE A 43 3.73 -0.72 -8.23
C ILE A 43 4.08 -2.19 -8.42
N GLU A 44 4.78 -2.47 -9.50
CA GLU A 44 5.20 -3.81 -9.83
C GLU A 44 6.72 -3.82 -10.03
N ILE A 45 7.45 -4.66 -9.31
CA ILE A 45 8.90 -4.74 -9.43
C ILE A 45 9.14 -6.15 -9.94
N SER A 47 11.05 -9.26 -11.90
CA SER A 47 12.37 -9.86 -12.13
C SER A 47 12.59 -10.15 -13.61
N GLU A 48 13.85 -10.36 -13.97
CA GLU A 48 14.22 -10.69 -15.35
C GLU A 48 13.42 -11.89 -15.86
N ALA A 49 13.07 -12.81 -14.97
CA ALA A 49 12.32 -14.00 -15.37
C ALA A 49 10.81 -13.79 -15.38
N GLY A 50 10.33 -12.61 -14.98
CA GLY A 50 8.90 -12.35 -14.98
C GLY A 50 8.15 -12.63 -13.69
N LEU A 51 8.87 -12.63 -12.56
CA LEU A 51 8.25 -12.84 -11.25
C LEU A 51 8.25 -11.54 -10.45
N PRO A 52 7.09 -11.19 -9.89
CA PRO A 52 6.96 -9.96 -9.09
C PRO A 52 7.67 -10.11 -7.76
N ALA A 53 8.45 -9.11 -7.38
CA ALA A 53 9.08 -9.11 -6.07
C ALA A 53 8.07 -8.69 -5.01
N GLU A 54 8.28 -9.15 -3.80
CA GLU A 54 7.42 -8.80 -2.69
C GLU A 54 7.54 -7.28 -2.50
N VAL A 55 6.39 -6.60 -2.52
CA VAL A 55 6.35 -5.14 -2.41
C VAL A 55 5.28 -4.66 -1.43
N TYR A 56 5.69 -3.77 -0.53
CA TYR A 56 4.79 -3.20 0.46
C TYR A 56 4.71 -1.71 0.28
N ILE A 57 3.51 -1.17 0.40
CA ILE A 57 3.29 0.28 0.36
C ILE A 57 2.79 0.80 1.71
N GLN A 58 3.32 1.96 2.10
CA GLN A 58 2.90 2.64 3.30
C GLN A 58 2.48 4.07 2.94
N ASP A 59 1.20 4.37 3.16
CA ASP A 59 0.61 5.68 2.93
C ASP A 59 0.83 6.53 4.15
N HIS A 60 1.34 7.73 3.95
CA HIS A 60 1.60 8.63 5.07
C HIS A 60 0.49 9.64 5.29
N GLY A 61 -0.54 9.60 4.43
CA GLY A 61 -1.70 10.45 4.59
C GLY A 61 -1.63 11.80 3.90
N ASP A 62 -0.42 12.26 3.62
CA ASP A 62 -0.20 13.54 2.94
C ASP A 62 -0.07 13.38 1.43
N GLY A 63 -0.36 12.18 0.92
CA GLY A 63 -0.18 11.90 -0.49
C GLY A 63 1.18 11.27 -0.81
N THR A 64 2.11 11.29 0.15
CA THR A 64 3.37 10.57 0.00
C THR A 64 3.28 9.10 0.47
N HIS A 65 4.02 8.24 -0.21
CA HIS A 65 4.08 6.84 0.17
C HIS A 65 5.54 6.41 0.28
N THR A 66 5.83 5.53 1.23
CA THR A 66 7.11 4.83 1.26
C THR A 66 6.91 3.42 0.73
N ILE A 67 7.72 3.06 -0.26
CA ILE A 67 7.69 1.73 -0.86
C ILE A 67 8.84 0.87 -0.35
N THR A 68 8.53 -0.37 -0.01
CA THR A 68 9.50 -1.28 0.54
C THR A 68 9.39 -2.57 -0.25
N TYR A 69 10.53 -3.15 -0.62
CA TYR A 69 10.52 -4.40 -1.37
C TYR A 69 11.81 -5.17 -1.13
N ILE A 70 11.77 -6.49 -1.28
CA ILE A 70 12.99 -7.29 -1.33
C ILE A 70 13.11 -8.08 -2.62
N PRO A 71 14.11 -7.73 -3.47
CA PRO A 71 14.44 -8.55 -4.65
C PRO A 71 15.23 -9.79 -4.24
N LEU A 72 14.84 -10.97 -4.72
CA LEU A 72 15.62 -12.17 -4.45
C LEU A 72 16.58 -12.66 -5.53
N CYS A 73 16.49 -12.15 -6.76
CA CYS A 73 17.33 -12.70 -7.84
C CYS A 73 18.25 -11.68 -8.47
N PRO A 74 19.58 -11.87 -8.32
CA PRO A 74 20.55 -10.98 -8.98
C PRO A 74 20.20 -10.86 -10.45
N GLY A 75 20.20 -9.64 -10.96
CA GLY A 75 19.84 -9.45 -12.36
C GLY A 75 19.08 -8.15 -12.53
N ALA A 76 18.43 -8.00 -13.67
CA ALA A 76 17.79 -6.73 -13.98
C ALA A 76 16.29 -6.80 -13.78
N TYR A 77 15.79 -5.95 -12.90
CA TYR A 77 14.36 -5.85 -12.60
C TYR A 77 13.74 -4.66 -13.35
N THR A 78 12.46 -4.78 -13.71
CA THR A 78 11.71 -3.67 -14.26
C THR A 78 10.74 -3.13 -13.21
N VAL A 79 10.85 -1.83 -12.93
CA VAL A 79 9.99 -1.16 -11.96
C VAL A 79 8.88 -0.41 -12.68
N THR A 80 7.66 -0.90 -12.49
CA THR A 80 6.49 -0.29 -13.10
C THR A 80 5.67 0.48 -12.07
N ILE A 81 5.47 1.76 -12.33
CA ILE A 81 4.67 2.61 -11.45
C ILE A 81 3.56 3.32 -12.22
N LYS A 82 2.32 3.06 -11.85
CA LYS A 82 1.20 3.71 -12.50
C LYS A 82 0.31 4.41 -11.50
N TYR A 83 -0.35 5.47 -11.96
CA TYR A 83 -1.32 6.16 -11.12
C TYR A 83 -2.60 6.24 -11.95
N GLY A 84 -3.71 5.74 -11.40
CA GLY A 84 -4.95 5.64 -12.15
C GLY A 84 -4.80 4.90 -13.48
N GLY A 85 -3.96 3.87 -13.51
CA GLY A 85 -3.75 3.10 -14.74
C GLY A 85 -2.76 3.72 -15.71
N GLN A 86 -2.34 4.97 -15.45
CA GLN A 86 -1.38 5.70 -16.31
C GLN A 86 0.04 5.72 -15.76
N PRO A 87 1.03 5.40 -16.59
CA PRO A 87 2.43 5.38 -16.17
C PRO A 87 2.90 6.75 -15.72
N VAL A 88 3.60 6.82 -14.59
CA VAL A 88 4.09 8.08 -14.09
C VAL A 88 5.41 8.47 -14.78
N PRO A 89 5.80 9.74 -14.71
CA PRO A 89 7.01 10.13 -15.45
C PRO A 89 8.28 9.39 -15.00
N ASN A 90 9.16 9.13 -15.97
CA ASN A 90 10.39 8.32 -15.80
C ASN A 90 10.17 6.83 -15.51
N PHE A 91 8.98 6.33 -15.84
CA PHE A 91 8.68 4.92 -15.60
C PHE A 91 7.90 4.34 -16.74
N PRO A 92 8.09 3.05 -17.01
CA PRO A 92 8.86 2.10 -16.20
C PRO A 92 10.39 2.25 -16.33
N SER A 93 11.14 1.77 -15.33
CA SER A 93 12.59 1.93 -15.31
C SER A 93 13.29 0.62 -14.97
N LYS A 94 14.58 0.51 -15.28
CA LYS A 94 15.36 -0.69 -14.96
C LYS A 94 16.06 -0.54 -13.63
N LEU A 95 16.12 -1.62 -12.88
CA LEU A 95 16.78 -1.65 -11.60
C LEU A 95 17.73 -2.82 -11.57
N GLN A 96 19.02 -2.55 -11.37
CA GLN A 96 19.98 -3.64 -11.33
C GLN A 96 20.06 -4.18 -9.92
N VAL A 97 19.85 -5.47 -9.77
CA VAL A 97 19.95 -6.11 -8.48
C VAL A 97 21.26 -6.91 -8.38
N GLU A 98 22.15 -6.48 -7.48
CA GLU A 98 23.46 -7.08 -7.33
C GLU A 98 23.35 -8.37 -6.55
N PRO A 99 24.35 -9.25 -6.69
CA PRO A 99 24.43 -10.43 -5.82
C PRO A 99 24.68 -10.01 -4.37
N ALA A 100 24.15 -10.79 -3.43
CA ALA A 100 24.36 -10.50 -2.02
C ALA A 100 25.86 -10.51 -1.69
N ASP B 4 -15.14 -3.05 -15.05
CA ASP B 4 -15.90 -2.69 -13.86
C ASP B 4 -15.76 -1.22 -13.53
N PRO B 5 -16.83 -0.60 -13.02
CA PRO B 5 -16.83 0.83 -12.67
C PRO B 5 -16.54 1.09 -11.21
N PHE B 6 -16.00 2.26 -10.84
CA PHE B 6 -15.67 2.56 -9.44
C PHE B 6 -16.87 2.58 -8.51
N ASP B 7 -16.93 1.60 -7.60
CA ASP B 7 -18.04 1.56 -6.68
C ASP B 7 -17.54 1.17 -5.29
N ALA B 8 -17.60 2.08 -4.32
CA ALA B 8 -17.08 1.79 -2.98
C ALA B 8 -17.94 0.77 -2.24
N SER B 9 -19.20 0.63 -2.67
CA SER B 9 -20.10 -0.29 -2.01
C SER B 9 -19.76 -1.78 -2.26
N LYS B 10 -18.91 -2.06 -3.25
CA LYS B 10 -18.54 -3.43 -3.61
C LYS B 10 -17.33 -3.94 -2.86
N VAL B 11 -16.70 -3.07 -2.09
CA VAL B 11 -15.49 -3.45 -1.37
C VAL B 11 -15.81 -4.40 -0.22
N LYS B 12 -15.05 -5.48 -0.10
CA LYS B 12 -15.28 -6.43 0.97
C LYS B 12 -14.03 -6.61 1.83
N CYS B 13 -14.18 -6.60 3.15
CA CYS B 13 -13.05 -6.81 4.06
C CYS B 13 -13.27 -7.98 5.01
N SER B 14 -12.20 -8.66 5.38
CA SER B 14 -12.29 -9.76 6.33
C SER B 14 -10.91 -10.18 6.81
N GLY B 15 -10.89 -11.13 7.74
CA GLY B 15 -9.65 -11.62 8.32
C GLY B 15 -9.49 -11.28 9.79
N PRO B 16 -8.67 -12.08 10.49
CA PRO B 16 -8.54 -12.01 11.95
C PRO B 16 -8.17 -10.61 12.48
N GLY B 17 -7.33 -9.89 11.75
CA GLY B 17 -6.89 -8.59 12.19
C GLY B 17 -7.95 -7.49 12.25
N LEU B 18 -9.14 -7.75 11.74
CA LEU B 18 -10.24 -6.79 11.91
C LEU B 18 -11.06 -7.07 13.18
N GLU B 19 -10.90 -8.25 13.77
CA GLU B 19 -11.68 -8.64 14.96
C GLU B 19 -11.01 -8.48 16.34
N ARG B 20 -9.80 -9.02 16.47
CA ARG B 20 -8.96 -8.87 17.66
C ARG B 20 -7.52 -8.53 17.35
N ALA B 21 -6.79 -7.94 18.29
CA ALA B 21 -5.40 -7.65 18.08
C ALA B 21 -4.71 -7.62 19.43
N THR B 22 -3.39 -7.81 19.42
CA THR B 22 -2.60 -7.77 20.66
C THR B 22 -1.49 -6.73 20.48
N ALA B 23 -1.32 -5.85 21.44
CA ALA B 23 -0.30 -4.81 21.36
C ALA B 23 1.08 -5.41 21.12
N GLY B 24 1.78 -4.88 20.13
CA GLY B 24 3.11 -5.35 19.78
C GLY B 24 3.11 -6.56 18.86
N GLU B 25 1.94 -7.03 18.46
CA GLU B 25 1.85 -8.15 17.55
C GLU B 25 1.31 -7.70 16.19
N VAL B 26 1.87 -8.26 15.13
CA VAL B 26 1.38 -7.98 13.78
C VAL B 26 -0.03 -8.53 13.58
N GLY B 27 -0.94 -7.70 13.09
CA GLY B 27 -2.22 -8.16 12.59
C GLY B 27 -2.35 -8.09 11.08
N GLN B 28 -3.26 -8.90 10.54
CA GLN B 28 -3.52 -8.94 9.11
C GLN B 28 -5.00 -9.03 8.82
N PHE B 29 -5.38 -8.52 7.66
CA PHE B 29 -6.69 -8.79 7.10
C PHE B 29 -6.62 -8.48 5.61
N GLN B 30 -7.75 -8.67 4.93
CA GLN B 30 -7.82 -8.55 3.48
C GLN B 30 -8.80 -7.47 3.10
N VAL B 31 -8.52 -6.80 2.00
CA VAL B 31 -9.47 -5.85 1.45
C VAL B 31 -9.58 -6.17 -0.01
N ASP B 32 -10.77 -6.59 -0.43
CA ASP B 32 -10.98 -7.12 -1.77
C ASP B 32 -11.77 -6.13 -2.62
N CYS B 33 -11.07 -5.47 -3.55
CA CYS B 33 -11.69 -4.50 -4.48
C CYS B 33 -12.04 -5.04 -5.89
N SER B 34 -11.85 -6.33 -6.09
CA SER B 34 -11.95 -6.93 -7.43
C SER B 34 -13.22 -6.57 -8.19
N SER B 35 -14.34 -6.40 -7.50
CA SER B 35 -15.56 -5.95 -8.19
C SER B 35 -15.87 -4.46 -8.01
N ALA B 36 -14.99 -3.75 -7.30
CA ALA B 36 -15.26 -2.37 -6.91
C ALA B 36 -14.73 -1.28 -7.85
N GLY B 37 -14.12 -1.66 -8.96
CA GLY B 37 -13.48 -0.69 -9.83
C GLY B 37 -12.11 -0.25 -9.31
N SER B 38 -11.52 0.75 -9.94
CA SER B 38 -10.21 1.28 -9.57
C SER B 38 -10.31 2.63 -8.88
N ALA B 39 -9.66 2.77 -7.73
CA ALA B 39 -9.57 4.04 -6.99
C ALA B 39 -8.54 3.94 -5.88
N GLU B 40 -8.32 5.03 -5.16
CA GLU B 40 -7.33 5.02 -4.09
C GLU B 40 -7.93 4.32 -2.88
N LEU B 41 -7.25 3.29 -2.40
CA LEU B 41 -7.61 2.64 -1.17
C LEU B 41 -6.87 3.33 -0.03
N THR B 42 -7.59 3.80 0.98
CA THR B 42 -6.95 4.40 2.15
C THR B 42 -7.37 3.69 3.43
N ILE B 43 -6.38 3.44 4.28
CA ILE B 43 -6.55 2.69 5.51
C ILE B 43 -5.83 3.36 6.67
N GLU B 44 -6.60 3.71 7.69
CA GLU B 44 -6.07 4.35 8.85
C GLU B 44 -6.51 3.55 10.07
N ILE B 45 -5.55 3.15 10.87
CA ILE B 45 -5.86 2.40 12.07
C ILE B 45 -5.40 3.26 13.22
N SER B 47 -5.30 4.96 17.04
CA SER B 47 -5.36 4.57 18.43
C SER B 47 -6.34 5.44 19.19
N GLU B 48 -6.62 5.07 20.44
CA GLU B 48 -7.56 5.81 21.27
C GLU B 48 -7.08 7.24 21.46
N ALA B 49 -5.75 7.43 21.45
CA ALA B 49 -5.19 8.76 21.67
C ALA B 49 -5.08 9.58 20.38
N GLY B 50 -5.45 9.00 19.25
CA GLY B 50 -5.37 9.70 17.98
C GLY B 50 -4.07 9.55 17.19
N LEU B 51 -3.34 8.47 17.41
CA LEU B 51 -2.11 8.19 16.68
C LEU B 51 -2.27 7.02 15.73
N PRO B 52 -1.91 7.23 14.46
CA PRO B 52 -2.01 6.16 13.44
C PRO B 52 -1.01 5.04 13.69
N ALA B 53 -1.48 3.79 13.65
CA ALA B 53 -0.59 2.65 13.77
C ALA B 53 0.12 2.47 12.45
N GLU B 54 1.31 1.90 12.51
CA GLU B 54 2.06 1.56 11.32
C GLU B 54 1.24 0.57 10.49
N VAL B 55 0.97 0.92 9.23
CA VAL B 55 0.17 0.08 8.34
C VAL B 55 0.78 -0.09 6.95
N TYR B 56 0.85 -1.34 6.49
CA TYR B 56 1.42 -1.69 5.20
C TYR B 56 0.39 -2.35 4.34
N ILE B 57 0.33 -1.95 3.07
CA ILE B 57 -0.55 -2.56 2.10
C ILE B 57 0.21 -3.36 1.02
N GLN B 58 -0.30 -4.54 0.70
CA GLN B 58 0.26 -5.34 -0.39
C GLN B 58 -0.81 -5.65 -1.41
N ASP B 59 -0.59 -5.19 -2.64
CA ASP B 59 -1.50 -5.36 -3.77
C ASP B 59 -1.14 -6.67 -4.44
N HIS B 60 -2.14 -7.53 -4.63
CA HIS B 60 -1.90 -8.81 -5.27
C HIS B 60 -2.19 -8.79 -6.77
N GLY B 61 -2.67 -7.65 -7.28
CA GLY B 61 -2.86 -7.48 -8.71
C GLY B 61 -4.23 -7.87 -9.23
N ASP B 62 -4.95 -8.67 -8.47
CA ASP B 62 -6.29 -9.09 -8.82
C ASP B 62 -7.38 -8.20 -8.19
N GLY B 63 -6.96 -7.10 -7.57
CA GLY B 63 -7.89 -6.21 -6.89
C GLY B 63 -7.99 -6.52 -5.40
N THR B 64 -7.38 -7.62 -4.95
CA THR B 64 -7.32 -7.94 -3.53
C THR B 64 -6.02 -7.43 -2.92
N HIS B 65 -6.10 -7.02 -1.66
CA HIS B 65 -4.94 -6.51 -0.95
C HIS B 65 -4.87 -7.21 0.39
N THR B 66 -3.65 -7.44 0.87
CA THR B 66 -3.41 -7.89 2.23
C THR B 66 -2.88 -6.71 3.04
N ILE B 67 -3.55 -6.42 4.14
CA ILE B 67 -3.17 -5.34 5.03
C ILE B 67 -2.47 -5.88 6.26
N THR B 68 -1.40 -5.21 6.66
CA THR B 68 -0.58 -5.65 7.78
C THR B 68 -0.32 -4.44 8.64
N TYR B 69 -0.43 -4.61 9.95
CA TYR B 69 -0.20 -3.49 10.84
C TYR B 69 0.22 -4.01 12.20
N ILE B 70 0.92 -3.18 12.97
CA ILE B 70 1.16 -3.45 14.39
C ILE B 70 0.62 -2.34 15.32
N PRO B 71 -0.41 -2.65 16.12
CA PRO B 71 -0.85 -1.74 17.18
C PRO B 71 0.08 -1.77 18.40
N LEU B 72 0.50 -0.63 18.91
CA LEU B 72 1.37 -0.60 20.09
C LEU B 72 0.71 -0.27 21.43
N CYS B 73 -0.52 0.21 21.41
CA CYS B 73 -1.17 0.63 22.67
C CYS B 73 -2.45 -0.10 23.00
N PRO B 74 -2.45 -0.87 24.10
CA PRO B 74 -3.67 -1.56 24.53
C PRO B 74 -4.79 -0.54 24.59
N GLY B 75 -5.96 -0.88 24.07
CA GLY B 75 -7.07 0.06 24.04
C GLY B 75 -7.88 -0.13 22.79
N ALA B 76 -8.76 0.84 22.52
CA ALA B 76 -9.68 0.72 21.39
C ALA B 76 -9.23 1.55 20.20
N TYR B 77 -8.92 0.88 19.10
CA TYR B 77 -8.54 1.51 17.83
C TYR B 77 -9.76 1.68 16.90
N THR B 78 -9.75 2.75 16.12
CA THR B 78 -10.72 2.94 15.05
C THR B 78 -10.08 2.61 13.70
N VAL B 79 -10.70 1.68 12.96
CA VAL B 79 -10.23 1.29 11.65
C VAL B 79 -11.06 1.98 10.57
N THR B 80 -10.42 2.89 9.85
CA THR B 80 -11.07 3.63 8.77
C THR B 80 -10.62 3.15 7.39
N ILE B 81 -11.57 2.71 6.59
CA ILE B 81 -11.27 2.21 5.26
C ILE B 81 -12.12 2.93 4.22
N LYS B 82 -11.46 3.64 3.31
CA LYS B 82 -12.15 4.35 2.24
C LYS B 82 -11.67 3.91 0.86
N TYR B 83 -12.57 3.99 -0.10
CA TYR B 83 -12.20 3.76 -1.47
C TYR B 83 -12.64 4.98 -2.27
N GLY B 84 -11.69 5.60 -2.97
CA GLY B 84 -11.99 6.85 -3.67
C GLY B 84 -12.59 7.91 -2.77
N GLY B 85 -12.14 7.98 -1.52
CA GLY B 85 -12.62 8.98 -0.58
C GLY B 85 -13.92 8.60 0.11
N GLN B 86 -14.55 7.52 -0.34
CA GLN B 86 -15.82 7.07 0.23
C GLN B 86 -15.67 5.85 1.15
N PRO B 87 -16.25 5.92 2.35
CA PRO B 87 -16.19 4.82 3.32
C PRO B 87 -16.79 3.54 2.75
N VAL B 88 -16.09 2.41 2.92
CA VAL B 88 -16.58 1.13 2.44
C VAL B 88 -17.53 0.50 3.46
N PRO B 89 -18.38 -0.43 3.02
CA PRO B 89 -19.40 -0.95 3.94
C PRO B 89 -18.84 -1.56 5.23
N ASN B 90 -19.56 -1.38 6.33
CA ASN B 90 -19.15 -1.80 7.68
C ASN B 90 -17.95 -1.05 8.26
N PHE B 91 -17.67 0.14 7.75
CA PHE B 91 -16.55 0.92 8.25
C PHE B 91 -16.94 2.37 8.29
N PRO B 92 -16.40 3.11 9.25
CA PRO B 92 -15.31 2.66 10.14
C PRO B 92 -15.78 1.72 11.25
N SER B 93 -14.84 0.94 11.81
CA SER B 93 -15.17 -0.02 12.86
C SER B 93 -14.21 0.11 14.05
N LYS B 94 -14.61 -0.43 15.21
CA LYS B 94 -13.74 -0.45 16.39
C LYS B 94 -12.94 -1.73 16.48
N LEU B 95 -11.70 -1.61 16.91
CA LEU B 95 -10.83 -2.78 17.09
C LEU B 95 -10.22 -2.75 18.47
N GLN B 96 -10.53 -3.76 19.27
CA GLN B 96 -9.98 -3.81 20.61
C GLN B 96 -8.58 -4.42 20.60
N VAL B 97 -7.62 -3.66 21.10
CA VAL B 97 -6.25 -4.15 21.18
C VAL B 97 -5.92 -4.58 22.62
N GLU B 98 -5.66 -5.87 22.79
CA GLU B 98 -5.40 -6.44 24.11
C GLU B 98 -3.96 -6.13 24.51
N PRO B 99 -3.69 -6.16 25.82
CA PRO B 99 -2.29 -6.08 26.28
C PRO B 99 -1.51 -7.33 25.87
N ALA B 100 -0.23 -7.15 25.59
CA ALA B 100 0.64 -8.26 25.19
C ALA B 100 0.61 -9.35 26.27
#